data_4BTM
#
_entry.id   4BTM
#
_cell.length_a   127.590
_cell.length_b   108.420
_cell.length_c   110.760
_cell.angle_alpha   90.00
_cell.angle_beta   94.14
_cell.angle_gamma   90.00
#
_symmetry.space_group_name_H-M   'C 1 2 1'
#
loop_
_entity.id
_entity.type
_entity.pdbx_description
1 polymer 'TAU-TUBULIN KINASE 1'
2 non-polymer 'SULFATE ION'
3 non-polymer 'methyl 2-bromo-5-(7H-pyrrolo[2,3-d]pyrimidin-4-ylamino)benzoate'
4 non-polymer 'DIMETHYL SULFOXIDE'
5 non-polymer GLYCEROL
6 water water
#
_entity_poly.entity_id   1
_entity_poly.type   'polypeptide(L)'
_entity_poly.pdbx_seq_one_letter_code
;MHHHHHHSSGVDLGTENLYFQSNAMQCLAAALKDETNMSGGGEQADILPANYVVKDRWKVLKKIGGGGFGEIYEAMDLLT
RENVALKVESAQQPKQVLKMEVAVLKKLQGKDHVCRFIGCGRNEKFNYVVMQLQGRNLADLRRSQPRGTFTLSTTLRLGK
QILESIEAIHSVGFLHRDIKPSNFAMGRLPSTYRKCYMLDFGLARQYTNTTGDVRPPRNVAGFRGTVRYASVNAHKNREM
GRHDDLWSLFYMLVEFAVGQLPWRKIKDKEQVGMIKEKYEHRMLLKHMPSEFHLFLDHIASLDYFTKPDYQLIMSVFENS
MKERGIAENEAFDWEKA
;
_entity_poly.pdbx_strand_id   A,B
#
# COMPACT_ATOMS: atom_id res chain seq x y z
N ALA A 45 -16.06 14.36 -16.57
CA ALA A 45 -15.64 15.11 -17.77
C ALA A 45 -14.18 14.84 -18.13
N ASP A 46 -13.85 14.90 -19.44
CA ASP A 46 -12.50 14.67 -19.97
C ASP A 46 -11.55 15.78 -19.58
N ILE A 47 -10.27 15.45 -19.39
CA ILE A 47 -9.22 16.44 -19.07
C ILE A 47 -9.10 17.41 -20.26
N LEU A 48 -9.19 16.88 -21.50
CA LEU A 48 -9.08 17.69 -22.69
C LEU A 48 -10.32 17.64 -23.59
N PRO A 49 -10.86 18.83 -23.97
CA PRO A 49 -12.00 18.84 -24.90
C PRO A 49 -11.50 18.67 -26.32
N ALA A 50 -12.39 18.27 -27.26
CA ALA A 50 -12.01 18.12 -28.67
C ALA A 50 -11.51 19.48 -29.20
N ASN A 51 -10.60 19.46 -30.17
CA ASN A 51 -9.99 20.65 -30.78
C ASN A 51 -9.05 21.47 -29.89
N TYR A 52 -8.75 20.98 -28.67
CA TYR A 52 -7.79 21.61 -27.76
C TYR A 52 -6.43 21.44 -28.42
N VAL A 53 -5.57 22.46 -28.36
CA VAL A 53 -4.24 22.36 -28.94
C VAL A 53 -3.17 22.41 -27.86
N VAL A 54 -2.50 21.27 -27.62
CA VAL A 54 -1.42 21.15 -26.63
C VAL A 54 -0.14 21.72 -27.23
N LYS A 55 0.51 22.66 -26.48
CA LYS A 55 1.77 23.35 -26.81
C LYS A 55 1.86 23.90 -28.28
N ASP A 56 0.72 24.41 -28.83
CA ASP A 56 0.66 24.94 -30.21
C ASP A 56 1.17 23.91 -31.26
N ARG A 57 0.93 22.59 -31.00
CA ARG A 57 1.38 21.49 -31.89
C ARG A 57 0.43 20.28 -31.98
N TRP A 58 -0.19 19.87 -30.89
CA TRP A 58 -1.02 18.67 -30.93
C TRP A 58 -2.47 18.95 -30.71
N LYS A 59 -3.24 18.86 -31.80
CA LYS A 59 -4.66 19.16 -31.79
C LYS A 59 -5.44 17.90 -31.43
N VAL A 60 -6.19 17.97 -30.33
CA VAL A 60 -7.00 16.84 -29.86
C VAL A 60 -8.13 16.57 -30.84
N LEU A 61 -8.14 15.35 -31.42
CA LEU A 61 -9.16 14.87 -32.34
C LEU A 61 -10.29 14.20 -31.55
N LYS A 62 -9.98 13.17 -30.73
CA LYS A 62 -10.95 12.43 -29.90
C LYS A 62 -10.27 11.64 -28.77
N LYS A 63 -11.05 11.26 -27.73
CA LYS A 63 -10.55 10.41 -26.66
C LYS A 63 -10.64 8.98 -27.19
N ILE A 64 -9.56 8.20 -27.05
CA ILE A 64 -9.51 6.81 -27.54
C ILE A 64 -9.51 5.75 -26.43
N GLY A 65 -9.47 6.18 -25.18
CA GLY A 65 -9.51 5.30 -24.01
C GLY A 65 -8.85 5.91 -22.80
N GLY A 66 -8.36 5.02 -21.93
CA GLY A 66 -7.59 5.41 -20.75
C GLY A 66 -7.94 4.64 -19.48
N GLY A 67 -8.86 5.23 -18.72
CA GLY A 67 -9.35 4.71 -17.44
C GLY A 67 -8.49 5.10 -16.26
N GLY A 68 -7.85 4.09 -15.66
CA GLY A 68 -6.94 4.22 -14.53
C GLY A 68 -5.62 4.82 -14.97
N PHE A 69 -5.11 5.76 -14.13
CA PHE A 69 -3.88 6.55 -14.25
C PHE A 69 -3.87 7.72 -15.26
N GLY A 70 -4.95 7.85 -16.04
CA GLY A 70 -5.11 8.92 -17.01
C GLY A 70 -5.96 8.59 -18.23
N GLU A 71 -5.89 9.48 -19.24
CA GLU A 71 -6.64 9.38 -20.49
C GLU A 71 -5.74 9.42 -21.71
N ILE A 72 -6.15 8.71 -22.77
CA ILE A 72 -5.44 8.62 -24.04
C ILE A 72 -6.30 9.21 -25.18
N TYR A 73 -5.71 10.13 -25.96
CA TYR A 73 -6.39 10.78 -27.09
C TYR A 73 -5.68 10.53 -28.39
N GLU A 74 -6.45 10.60 -29.48
CA GLU A 74 -5.90 10.64 -30.82
C GLU A 74 -5.79 12.15 -31.12
N ALA A 75 -4.61 12.57 -31.58
CA ALA A 75 -4.31 13.96 -31.89
C ALA A 75 -3.68 14.11 -33.25
N MET A 76 -3.85 15.30 -33.88
CA MET A 76 -3.20 15.62 -35.15
C MET A 76 -1.97 16.47 -34.83
N ASP A 77 -0.79 15.99 -35.26
CA ASP A 77 0.45 16.73 -35.06
C ASP A 77 0.49 17.83 -36.16
N LEU A 78 0.30 19.08 -35.71
CA LEU A 78 0.25 20.23 -36.63
C LEU A 78 1.59 20.59 -37.29
N LEU A 79 2.71 20.06 -36.76
CA LEU A 79 4.05 20.27 -37.28
C LEU A 79 4.44 19.19 -38.31
N THR A 80 4.06 17.92 -38.06
CA THR A 80 4.42 16.81 -38.95
C THR A 80 3.25 16.33 -39.82
N ARG A 81 2.01 16.69 -39.47
CA ARG A 81 0.79 16.27 -40.17
C ARG A 81 0.40 14.82 -39.93
N GLU A 82 1.13 14.18 -39.01
CA GLU A 82 0.99 12.80 -38.59
C GLU A 82 -0.02 12.72 -37.45
N ASN A 83 -0.93 11.72 -37.50
CA ASN A 83 -1.87 11.40 -36.42
C ASN A 83 -1.06 10.71 -35.34
N VAL A 84 -1.18 11.20 -34.11
CA VAL A 84 -0.38 10.71 -33.00
C VAL A 84 -1.23 10.26 -31.82
N ALA A 85 -0.62 9.64 -30.79
CA ALA A 85 -1.31 9.27 -29.57
C ALA A 85 -0.87 10.23 -28.49
N LEU A 86 -1.84 10.77 -27.73
CA LEU A 86 -1.54 11.74 -26.67
C LEU A 86 -2.09 11.25 -25.35
N LYS A 87 -1.16 11.00 -24.39
CA LYS A 87 -1.48 10.53 -23.04
C LYS A 87 -1.43 11.71 -22.12
N VAL A 88 -2.53 11.92 -21.40
CA VAL A 88 -2.59 13.01 -20.41
C VAL A 88 -3.04 12.50 -19.05
N GLU A 89 -2.51 13.12 -17.99
CA GLU A 89 -2.91 12.86 -16.61
C GLU A 89 -3.02 14.19 -15.89
N SER A 90 -4.07 14.32 -15.08
CA SER A 90 -4.36 15.48 -14.24
C SER A 90 -3.16 15.76 -13.30
N ALA A 91 -2.81 17.05 -13.13
CA ALA A 91 -1.70 17.44 -12.26
C ALA A 91 -2.09 17.27 -10.78
N GLN A 92 -3.42 17.16 -10.51
CA GLN A 92 -3.99 16.94 -9.17
C GLN A 92 -4.45 15.49 -8.97
N GLN A 93 -3.70 14.54 -9.56
CA GLN A 93 -3.92 13.10 -9.46
C GLN A 93 -2.85 12.59 -8.46
N PRO A 94 -3.23 11.72 -7.48
CA PRO A 94 -2.24 11.27 -6.47
C PRO A 94 -1.06 10.48 -7.03
N LYS A 95 -1.33 9.46 -7.89
CA LYS A 95 -0.25 8.65 -8.52
C LYS A 95 0.05 9.19 -9.95
N GLN A 96 1.30 9.70 -10.16
CA GLN A 96 1.81 10.29 -11.40
C GLN A 96 2.73 9.32 -12.17
N VAL A 97 2.16 8.58 -13.11
CA VAL A 97 2.81 7.54 -13.92
C VAL A 97 3.63 8.03 -15.12
N LEU A 98 3.23 9.17 -15.71
CA LEU A 98 3.83 9.77 -16.90
C LEU A 98 5.33 10.10 -16.88
N LYS A 99 5.91 10.32 -15.71
CA LYS A 99 7.35 10.55 -15.61
C LYS A 99 8.11 9.24 -15.94
N MET A 100 7.58 8.07 -15.46
CA MET A 100 8.08 6.71 -15.72
C MET A 100 7.92 6.39 -17.21
N GLU A 101 6.71 6.65 -17.76
CA GLU A 101 6.38 6.44 -19.15
C GLU A 101 7.47 7.00 -20.07
N VAL A 102 7.86 8.25 -19.82
CA VAL A 102 8.86 8.97 -20.62
C VAL A 102 10.26 8.34 -20.52
N ALA A 103 10.68 8.08 -19.29
CA ALA A 103 12.00 7.52 -18.98
C ALA A 103 12.26 6.18 -19.71
N VAL A 104 11.29 5.25 -19.65
CA VAL A 104 11.34 3.91 -20.25
C VAL A 104 11.25 4.02 -21.76
N LEU A 105 10.29 4.82 -22.26
CA LEU A 105 10.06 5.08 -23.69
C LEU A 105 11.31 5.63 -24.35
N LYS A 106 11.99 6.58 -23.69
CA LYS A 106 13.25 7.15 -24.18
C LYS A 106 14.35 6.09 -24.26
N LYS A 107 14.52 5.29 -23.17
CA LYS A 107 15.48 4.17 -23.09
C LYS A 107 15.28 3.08 -24.17
N LEU A 108 14.03 2.84 -24.58
CA LEU A 108 13.65 1.82 -25.56
C LEU A 108 13.67 2.25 -27.02
N GLN A 109 14.01 3.54 -27.30
CA GLN A 109 14.07 4.05 -28.67
C GLN A 109 15.14 3.33 -29.44
N GLY A 110 14.79 2.84 -30.62
CA GLY A 110 15.71 2.06 -31.43
C GLY A 110 15.34 0.59 -31.45
N LYS A 111 14.63 0.18 -30.38
CA LYS A 111 14.14 -1.17 -30.19
C LYS A 111 12.85 -1.40 -30.96
N ASP A 112 12.62 -2.63 -31.39
CA ASP A 112 11.42 -3.03 -32.12
C ASP A 112 10.27 -3.15 -31.10
N HIS A 113 9.01 -3.17 -31.57
CA HIS A 113 7.82 -3.30 -30.71
C HIS A 113 7.55 -2.09 -29.77
N VAL A 114 8.20 -0.92 -30.01
CA VAL A 114 7.99 0.29 -29.21
C VAL A 114 7.56 1.47 -30.08
N CYS A 115 6.67 2.33 -29.55
CA CYS A 115 6.20 3.54 -30.20
C CYS A 115 7.31 4.55 -30.26
N ARG A 116 7.40 5.30 -31.36
CA ARG A 116 8.40 6.35 -31.46
C ARG A 116 7.96 7.47 -30.51
N PHE A 117 8.94 8.04 -29.78
CA PHE A 117 8.73 9.16 -28.86
C PHE A 117 8.63 10.44 -29.68
N ILE A 118 7.54 11.19 -29.50
CA ILE A 118 7.31 12.44 -30.22
C ILE A 118 7.59 13.68 -29.36
N GLY A 119 7.06 13.70 -28.13
CA GLY A 119 7.25 14.79 -27.19
C GLY A 119 6.60 14.55 -25.85
N CYS A 120 6.78 15.51 -24.92
CA CYS A 120 6.23 15.47 -23.56
C CYS A 120 6.35 16.86 -22.92
N GLY A 121 5.59 17.08 -21.85
CA GLY A 121 5.62 18.31 -21.07
C GLY A 121 4.70 18.28 -19.88
N ARG A 122 4.66 19.39 -19.12
CA ARG A 122 3.84 19.56 -17.92
C ARG A 122 3.43 21.00 -17.64
N ASN A 123 2.20 21.17 -17.15
CA ASN A 123 1.64 22.45 -16.75
C ASN A 123 0.91 22.30 -15.41
N GLU A 124 0.23 23.35 -14.94
CA GLU A 124 -0.49 23.34 -13.65
C GLU A 124 -1.78 22.54 -13.67
N LYS A 125 -2.33 22.28 -14.88
CA LYS A 125 -3.59 21.53 -15.05
C LYS A 125 -3.35 20.03 -15.35
N PHE A 126 -2.33 19.70 -16.19
CA PHE A 126 -2.02 18.34 -16.66
C PHE A 126 -0.58 18.11 -17.15
N ASN A 127 -0.18 16.83 -17.22
CA ASN A 127 1.10 16.34 -17.73
C ASN A 127 0.78 15.57 -19.00
N TYR A 128 1.69 15.49 -19.96
CA TYR A 128 1.38 14.78 -21.21
C TYR A 128 2.60 14.12 -21.83
N VAL A 129 2.36 13.04 -22.60
CA VAL A 129 3.36 12.31 -23.42
C VAL A 129 2.69 12.15 -24.77
N VAL A 130 3.49 12.34 -25.83
CA VAL A 130 3.07 12.23 -27.22
C VAL A 130 3.94 11.14 -27.84
N MET A 131 3.30 10.18 -28.51
CA MET A 131 4.02 9.09 -29.15
C MET A 131 3.26 8.55 -30.35
N GLN A 132 3.96 7.69 -31.14
CA GLN A 132 3.42 7.03 -32.32
C GLN A 132 2.07 6.39 -32.01
N LEU A 133 1.07 6.58 -32.89
CA LEU A 133 -0.26 6.00 -32.77
C LEU A 133 -0.25 4.66 -33.49
N GLN A 134 -0.99 3.68 -32.93
CA GLN A 134 -1.06 2.30 -33.46
C GLN A 134 -2.52 1.91 -33.73
N GLY A 135 -2.71 0.68 -34.20
CA GLY A 135 -4.03 0.16 -34.51
C GLY A 135 -4.78 -0.41 -33.33
N ARG A 136 -5.54 -1.48 -33.56
CA ARG A 136 -6.35 -2.08 -32.49
C ARG A 136 -5.52 -2.90 -31.49
N ASN A 137 -5.97 -2.91 -30.22
CA ASN A 137 -5.28 -3.68 -29.17
C ASN A 137 -5.76 -5.13 -29.11
N LEU A 138 -4.92 -5.99 -28.56
CA LEU A 138 -5.18 -7.43 -28.48
C LEU A 138 -6.42 -7.86 -27.70
N ALA A 139 -6.81 -7.14 -26.64
CA ALA A 139 -8.01 -7.44 -25.84
C ALA A 139 -9.25 -7.21 -26.67
N ASP A 140 -9.30 -6.06 -27.41
CA ASP A 140 -10.32 -5.69 -28.39
C ASP A 140 -10.36 -6.71 -29.54
N LEU A 141 -9.18 -7.00 -30.16
CA LEU A 141 -9.09 -8.00 -31.21
C LEU A 141 -9.57 -9.36 -30.73
N ARG A 142 -9.20 -9.80 -29.50
CA ARG A 142 -9.66 -11.11 -29.01
C ARG A 142 -11.17 -11.14 -28.77
N ARG A 143 -11.72 -10.07 -28.19
CA ARG A 143 -13.15 -9.97 -27.87
C ARG A 143 -14.01 -9.97 -29.13
N SER A 144 -13.45 -9.45 -30.25
CA SER A 144 -14.07 -9.40 -31.56
C SER A 144 -14.06 -10.76 -32.26
N GLN A 145 -13.34 -11.77 -31.71
CA GLN A 145 -13.30 -13.12 -32.28
C GLN A 145 -14.61 -13.85 -32.05
N PRO A 146 -15.02 -14.74 -33.00
CA PRO A 146 -16.32 -15.43 -32.87
C PRO A 146 -16.50 -16.18 -31.55
N ARG A 147 -15.45 -16.90 -31.09
CA ARG A 147 -15.47 -17.67 -29.85
C ARG A 147 -14.61 -17.03 -28.77
N GLY A 148 -14.18 -15.79 -29.02
CA GLY A 148 -13.30 -15.03 -28.12
C GLY A 148 -11.94 -15.68 -27.98
N THR A 149 -11.55 -16.51 -28.96
CA THR A 149 -10.28 -17.23 -28.99
C THR A 149 -9.59 -16.94 -30.29
N PHE A 150 -8.26 -16.95 -30.28
CA PHE A 150 -7.46 -16.83 -31.48
C PHE A 150 -7.06 -18.25 -31.88
N THR A 151 -6.58 -18.45 -33.10
CA THR A 151 -6.09 -19.77 -33.53
C THR A 151 -4.70 -19.96 -32.88
N LEU A 152 -4.14 -21.20 -32.90
CA LEU A 152 -2.78 -21.38 -32.36
C LEU A 152 -1.77 -20.63 -33.21
N SER A 153 -2.06 -20.43 -34.49
CA SER A 153 -1.21 -19.69 -35.39
C SER A 153 -1.05 -18.23 -34.93
N THR A 154 -2.17 -17.56 -34.57
CA THR A 154 -2.18 -16.16 -34.11
C THR A 154 -1.52 -16.09 -32.72
N THR A 155 -1.97 -16.95 -31.79
CA THR A 155 -1.49 -17.07 -30.42
C THR A 155 0.04 -17.21 -30.37
N LEU A 156 0.59 -18.16 -31.14
CA LEU A 156 2.02 -18.42 -31.13
C LEU A 156 2.84 -17.31 -31.74
N ARG A 157 2.32 -16.69 -32.81
CA ARG A 157 3.02 -15.57 -33.47
C ARG A 157 2.98 -14.29 -32.62
N LEU A 158 1.85 -14.00 -31.94
CA LEU A 158 1.76 -12.90 -30.97
C LEU A 158 2.69 -13.17 -29.77
N GLY A 159 2.75 -14.43 -29.29
CA GLY A 159 3.62 -14.86 -28.19
C GLY A 159 5.08 -14.52 -28.46
N LYS A 160 5.57 -14.84 -29.67
CA LYS A 160 6.94 -14.56 -30.12
C LYS A 160 7.23 -13.06 -30.02
N GLN A 161 6.30 -12.23 -30.52
CA GLN A 161 6.43 -10.78 -30.57
C GLN A 161 6.37 -10.15 -29.18
N ILE A 162 5.41 -10.61 -28.35
CA ILE A 162 5.31 -10.12 -26.97
C ILE A 162 6.55 -10.50 -26.16
N LEU A 163 7.03 -11.72 -26.31
CA LEU A 163 8.25 -12.19 -25.62
C LEU A 163 9.46 -11.30 -25.98
N GLU A 164 9.62 -10.93 -27.27
CA GLU A 164 10.68 -10.02 -27.73
C GLU A 164 10.54 -8.63 -27.05
N SER A 165 9.29 -8.14 -26.84
CA SER A 165 8.98 -6.88 -26.13
C SER A 165 9.51 -6.96 -24.72
N ILE A 166 9.12 -8.05 -23.98
CA ILE A 166 9.50 -8.31 -22.58
C ILE A 166 11.01 -8.37 -22.44
N GLU A 167 11.66 -9.12 -23.32
CA GLU A 167 13.11 -9.24 -23.34
C GLU A 167 13.80 -7.86 -23.50
N ALA A 168 13.27 -7.01 -24.39
CA ALA A 168 13.74 -5.65 -24.67
C ALA A 168 13.63 -4.69 -23.48
N ILE A 169 12.46 -4.66 -22.79
CA ILE A 169 12.30 -3.81 -21.60
C ILE A 169 13.25 -4.29 -20.46
N HIS A 170 13.41 -5.62 -20.29
CA HIS A 170 14.28 -6.16 -19.27
C HIS A 170 15.73 -5.83 -19.58
N SER A 171 16.08 -5.80 -20.89
CA SER A 171 17.44 -5.44 -21.35
C SER A 171 17.87 -4.01 -21.03
N VAL A 172 16.93 -3.09 -20.81
CA VAL A 172 17.22 -1.69 -20.43
C VAL A 172 17.11 -1.46 -18.91
N GLY A 173 16.96 -2.56 -18.17
CA GLY A 173 16.90 -2.55 -16.70
C GLY A 173 15.55 -2.22 -16.08
N PHE A 174 14.42 -2.51 -16.78
CA PHE A 174 13.08 -2.24 -16.29
C PHE A 174 12.16 -3.41 -16.33
N LEU A 175 11.26 -3.48 -15.34
CA LEU A 175 10.18 -4.47 -15.33
C LEU A 175 8.94 -3.78 -15.81
N HIS A 176 8.08 -4.47 -16.55
CA HIS A 176 6.85 -3.86 -17.05
C HIS A 176 5.79 -3.83 -15.97
N ARG A 177 5.52 -4.99 -15.34
CA ARG A 177 4.58 -5.21 -14.21
C ARG A 177 3.08 -5.10 -14.54
N ASP A 178 2.74 -4.80 -15.80
CA ASP A 178 1.34 -4.65 -16.23
C ASP A 178 1.11 -5.29 -17.60
N ILE A 179 1.70 -6.48 -17.84
CA ILE A 179 1.52 -7.21 -19.10
C ILE A 179 0.10 -7.76 -19.19
N LYS A 180 -0.66 -7.29 -20.19
CA LYS A 180 -2.06 -7.68 -20.44
C LYS A 180 -2.40 -7.43 -21.91
N PRO A 181 -3.48 -8.04 -22.49
CA PRO A 181 -3.75 -7.82 -23.95
C PRO A 181 -3.99 -6.39 -24.37
N SER A 182 -4.61 -5.55 -23.50
CA SER A 182 -4.88 -4.14 -23.80
C SER A 182 -3.63 -3.27 -23.83
N ASN A 183 -2.47 -3.82 -23.40
CA ASN A 183 -1.20 -3.09 -23.46
C ASN A 183 -0.40 -3.41 -24.71
N PHE A 184 -0.99 -4.16 -25.63
CA PHE A 184 -0.37 -4.53 -26.92
C PHE A 184 -1.33 -4.20 -28.06
N ALA A 185 -0.79 -3.66 -29.16
CA ALA A 185 -1.59 -3.31 -30.35
C ALA A 185 -0.83 -3.54 -31.63
N MET A 186 -1.56 -3.88 -32.70
CA MET A 186 -0.93 -4.04 -34.04
C MET A 186 -0.73 -2.66 -34.67
N GLY A 187 0.16 -2.53 -35.64
CA GLY A 187 0.40 -1.27 -36.34
C GLY A 187 -0.79 -0.86 -37.21
N ARG A 188 -0.83 0.42 -37.62
CA ARG A 188 -1.95 0.95 -38.40
C ARG A 188 -1.52 1.42 -39.79
N LEU A 189 -0.22 1.21 -40.12
CA LEU A 189 0.35 1.60 -41.40
C LEU A 189 0.51 0.35 -42.29
N PRO A 190 0.79 0.49 -43.61
CA PRO A 190 0.96 -0.74 -44.44
C PRO A 190 2.31 -1.42 -44.14
N SER A 191 3.27 -0.65 -43.60
CA SER A 191 4.58 -1.16 -43.23
C SER A 191 4.62 -1.66 -41.75
N THR A 192 3.49 -1.57 -41.00
CA THR A 192 3.47 -1.92 -39.57
C THR A 192 2.32 -2.81 -39.10
N TYR A 193 1.27 -3.02 -39.93
CA TYR A 193 0.06 -3.78 -39.57
C TYR A 193 0.27 -5.23 -39.08
N ARG A 194 1.45 -5.80 -39.34
CA ARG A 194 1.79 -7.16 -38.92
C ARG A 194 2.70 -7.15 -37.67
N LYS A 195 3.12 -5.97 -37.24
CA LYS A 195 3.97 -5.79 -36.06
C LYS A 195 3.12 -5.45 -34.84
N CYS A 196 3.47 -6.07 -33.69
CA CYS A 196 2.82 -5.90 -32.38
C CYS A 196 3.66 -4.96 -31.50
N TYR A 197 3.02 -3.97 -30.85
CA TYR A 197 3.72 -2.96 -30.04
C TYR A 197 3.27 -2.99 -28.61
N MET A 198 4.21 -2.72 -27.71
CA MET A 198 4.02 -2.58 -26.26
C MET A 198 3.62 -1.12 -26.10
N LEU A 199 2.41 -0.87 -25.59
CA LEU A 199 1.80 0.47 -25.55
C LEU A 199 2.07 1.39 -24.36
N ASP A 200 2.12 0.85 -23.14
CA ASP A 200 2.22 1.66 -21.93
C ASP A 200 3.33 1.16 -21.03
N PHE A 201 3.91 2.08 -20.20
CA PHE A 201 5.00 1.82 -19.25
C PHE A 201 4.79 2.49 -17.91
N GLY A 202 3.55 2.89 -17.63
CA GLY A 202 3.22 3.59 -16.41
C GLY A 202 3.56 2.93 -15.09
N LEU A 203 3.43 1.59 -15.00
CA LEU A 203 3.70 0.81 -13.77
C LEU A 203 5.07 0.18 -13.73
N ALA A 204 5.89 0.49 -14.71
CA ALA A 204 7.25 0.01 -14.82
C ALA A 204 8.09 0.41 -13.63
N ARG A 205 9.13 -0.38 -13.37
CA ARG A 205 10.05 -0.16 -12.27
C ARG A 205 11.42 -0.67 -12.66
N GLN A 206 12.44 0.18 -12.42
CA GLN A 206 13.84 -0.17 -12.65
C GLN A 206 14.25 -1.25 -11.66
N TYR A 207 14.76 -2.40 -12.16
CA TYR A 207 15.22 -3.48 -11.27
C TYR A 207 16.77 -3.41 -11.13
N THR A 208 17.43 -2.70 -12.04
CA THR A 208 18.87 -2.48 -11.99
C THR A 208 19.17 -1.14 -11.30
N ASN A 209 20.38 -0.95 -10.84
CA ASN A 209 20.76 0.32 -10.24
C ASN A 209 21.79 1.03 -11.18
N THR A 210 22.31 2.16 -10.70
CA THR A 210 23.29 3.02 -11.38
C THR A 210 24.50 2.27 -11.93
N THR A 211 24.97 1.24 -11.19
CA THR A 211 26.15 0.45 -11.54
C THR A 211 25.90 -0.76 -12.48
N GLY A 212 24.62 -1.04 -12.77
CA GLY A 212 24.19 -2.13 -13.64
C GLY A 212 23.91 -3.43 -12.91
N ASP A 213 23.92 -3.37 -11.59
CA ASP A 213 23.66 -4.54 -10.76
C ASP A 213 22.19 -4.60 -10.43
N VAL A 214 21.70 -5.76 -9.98
CA VAL A 214 20.31 -5.94 -9.57
C VAL A 214 20.19 -5.37 -8.18
N ARG A 215 19.23 -4.48 -7.99
CA ARG A 215 18.98 -3.84 -6.72
C ARG A 215 18.28 -4.84 -5.73
N PRO A 216 18.50 -4.71 -4.39
CA PRO A 216 17.80 -5.59 -3.45
C PRO A 216 16.27 -5.41 -3.54
N PRO A 217 15.50 -6.54 -3.49
CA PRO A 217 14.04 -6.40 -3.48
C PRO A 217 13.57 -5.87 -2.13
N ARG A 218 12.42 -5.19 -2.09
CA ARG A 218 11.85 -4.69 -0.84
C ARG A 218 11.19 -5.91 -0.12
N ASN A 219 11.09 -5.93 1.21
CA ASN A 219 10.51 -7.12 1.88
C ASN A 219 9.05 -7.35 1.51
N VAL A 220 8.40 -6.29 1.07
CA VAL A 220 7.00 -6.23 0.68
C VAL A 220 6.86 -5.15 -0.39
N ALA A 221 5.90 -5.28 -1.27
CA ALA A 221 5.63 -4.33 -2.34
C ALA A 221 4.13 -4.35 -2.57
N GLY A 222 3.56 -3.17 -2.80
CA GLY A 222 2.14 -3.03 -3.08
C GLY A 222 1.82 -3.59 -4.44
N PHE A 223 0.67 -4.27 -4.53
CA PHE A 223 0.18 -4.89 -5.75
C PHE A 223 0.14 -3.94 -6.95
N ARG A 224 0.79 -4.36 -8.03
CA ARG A 224 0.85 -3.57 -9.27
C ARG A 224 0.34 -4.37 -10.45
N GLY A 225 -0.43 -3.70 -11.30
CA GLY A 225 -0.95 -4.30 -12.53
C GLY A 225 -2.34 -4.89 -12.45
N THR A 226 -2.70 -5.65 -13.49
CA THR A 226 -4.02 -6.29 -13.57
C THR A 226 -4.13 -7.40 -12.58
N VAL A 227 -5.35 -7.67 -12.17
CA VAL A 227 -5.61 -8.76 -11.26
C VAL A 227 -5.61 -10.08 -12.04
N ARG A 228 -6.14 -10.08 -13.25
CA ARG A 228 -6.27 -11.28 -14.08
C ARG A 228 -4.97 -11.98 -14.49
N TYR A 229 -3.96 -11.21 -14.88
CA TYR A 229 -2.68 -11.72 -15.39
C TYR A 229 -1.56 -11.64 -14.39
N ALA A 230 -1.83 -11.20 -13.16
CA ALA A 230 -0.81 -11.15 -12.10
C ALA A 230 -0.36 -12.55 -11.69
N SER A 231 0.94 -12.71 -11.45
CA SER A 231 1.48 -13.97 -10.96
C SER A 231 1.05 -14.20 -9.50
N VAL A 232 1.22 -15.41 -8.99
CA VAL A 232 0.94 -15.72 -7.58
C VAL A 232 1.85 -14.87 -6.64
N ASN A 233 3.10 -14.59 -7.04
CA ASN A 233 4.06 -13.76 -6.29
C ASN A 233 3.52 -12.35 -6.08
N ALA A 234 2.99 -11.68 -7.14
CA ALA A 234 2.36 -10.36 -7.03
C ALA A 234 1.18 -10.41 -6.03
N HIS A 235 0.31 -11.45 -6.10
CA HIS A 235 -0.81 -11.63 -5.15
C HIS A 235 -0.34 -11.70 -3.69
N LYS A 236 0.85 -12.29 -3.42
CA LYS A 236 1.50 -12.44 -2.11
C LYS A 236 2.26 -11.18 -1.66
N ASN A 237 2.12 -10.06 -2.41
CA ASN A 237 2.79 -8.78 -2.11
C ASN A 237 4.31 -8.86 -2.09
N ARG A 238 4.85 -9.77 -2.92
CA ARG A 238 6.28 -9.93 -3.07
C ARG A 238 6.77 -8.99 -4.15
N GLU A 239 8.07 -8.62 -4.09
CA GLU A 239 8.72 -7.74 -5.06
C GLU A 239 8.71 -8.49 -6.37
N MET A 240 8.18 -7.83 -7.41
CA MET A 240 8.09 -8.40 -8.73
C MET A 240 9.42 -8.43 -9.44
N GLY A 241 9.62 -9.48 -10.22
CA GLY A 241 10.83 -9.69 -11.00
C GLY A 241 10.52 -9.96 -12.46
N ARG A 242 11.57 -10.20 -13.23
CA ARG A 242 11.47 -10.51 -14.66
C ARG A 242 10.55 -11.67 -14.93
N HIS A 243 10.60 -12.71 -14.07
CA HIS A 243 9.75 -13.91 -14.16
C HIS A 243 8.27 -13.63 -14.07
N ASP A 244 7.86 -12.57 -13.31
CA ASP A 244 6.47 -12.17 -13.12
C ASP A 244 5.83 -11.61 -14.39
N ASP A 245 6.64 -10.99 -15.27
CA ASP A 245 6.21 -10.48 -16.57
C ASP A 245 6.00 -11.69 -17.50
N LEU A 246 6.81 -12.75 -17.32
CA LEU A 246 6.67 -14.00 -18.06
C LEU A 246 5.47 -14.83 -17.63
N TRP A 247 5.03 -14.69 -16.38
CA TRP A 247 3.80 -15.32 -15.86
C TRP A 247 2.58 -14.68 -16.54
N SER A 248 2.57 -13.34 -16.66
CA SER A 248 1.50 -12.61 -17.31
C SER A 248 1.40 -13.05 -18.78
N LEU A 249 2.54 -13.17 -19.47
CA LEU A 249 2.62 -13.69 -20.85
C LEU A 249 2.01 -15.09 -20.94
N PHE A 250 2.38 -16.01 -20.00
CA PHE A 250 1.85 -17.36 -19.92
C PHE A 250 0.28 -17.38 -19.86
N TYR A 251 -0.30 -16.65 -18.90
CA TYR A 251 -1.74 -16.52 -18.69
C TYR A 251 -2.46 -15.92 -19.88
N MET A 252 -1.85 -14.91 -20.51
CA MET A 252 -2.39 -14.21 -21.67
C MET A 252 -2.51 -15.20 -22.86
N LEU A 253 -1.46 -15.97 -23.15
CA LEU A 253 -1.53 -16.93 -24.25
C LEU A 253 -2.54 -18.08 -24.02
N VAL A 254 -2.77 -18.50 -22.75
CA VAL A 254 -3.79 -19.50 -22.41
C VAL A 254 -5.18 -18.91 -22.70
N GLU A 255 -5.40 -17.66 -22.31
CA GLU A 255 -6.63 -16.94 -22.59
C GLU A 255 -6.84 -16.76 -24.11
N PHE A 256 -5.77 -16.47 -24.86
CA PHE A 256 -5.83 -16.34 -26.32
C PHE A 256 -6.31 -17.62 -26.99
N ALA A 257 -5.73 -18.77 -26.59
CA ALA A 257 -6.04 -20.08 -27.20
C ALA A 257 -7.30 -20.76 -26.69
N VAL A 258 -7.61 -20.59 -25.39
CA VAL A 258 -8.74 -21.24 -24.70
C VAL A 258 -9.95 -20.31 -24.59
N GLY A 259 -9.73 -19.01 -24.59
CA GLY A 259 -10.80 -18.01 -24.54
C GLY A 259 -11.18 -17.54 -23.15
N GLN A 260 -10.67 -18.23 -22.13
CA GLN A 260 -10.93 -17.92 -20.73
C GLN A 260 -9.85 -18.47 -19.76
N LEU A 261 -9.84 -17.91 -18.54
CA LEU A 261 -9.00 -18.31 -17.41
C LEU A 261 -9.93 -18.68 -16.25
N PRO A 262 -9.54 -19.63 -15.41
CA PRO A 262 -10.43 -20.07 -14.31
C PRO A 262 -11.02 -18.99 -13.39
N TRP A 263 -10.31 -17.89 -13.25
CA TRP A 263 -10.62 -16.77 -12.36
C TRP A 263 -11.19 -15.54 -13.12
N ARG A 264 -11.63 -15.72 -14.38
CA ARG A 264 -12.23 -14.71 -15.27
C ARG A 264 -13.31 -13.81 -14.64
N LYS A 265 -14.20 -14.40 -13.85
CA LYS A 265 -15.38 -13.75 -13.28
C LYS A 265 -15.16 -13.15 -11.93
N ILE A 266 -14.05 -13.48 -11.28
CA ILE A 266 -13.76 -12.99 -9.94
C ILE A 266 -12.99 -11.69 -10.02
N LYS A 267 -13.50 -10.66 -9.34
CA LYS A 267 -12.90 -9.33 -9.34
C LYS A 267 -12.08 -9.05 -8.09
N ASP A 268 -12.38 -9.73 -6.98
CA ASP A 268 -11.66 -9.56 -5.70
C ASP A 268 -10.24 -10.11 -5.81
N LYS A 269 -9.24 -9.22 -5.61
CA LYS A 269 -7.80 -9.51 -5.67
C LYS A 269 -7.42 -10.74 -4.86
N GLU A 270 -7.86 -10.82 -3.58
CA GLU A 270 -7.58 -11.93 -2.67
C GLU A 270 -8.16 -13.24 -3.10
N GLN A 271 -9.40 -13.20 -3.62
CA GLN A 271 -10.15 -14.37 -4.11
C GLN A 271 -9.44 -14.99 -5.31
N VAL A 272 -9.03 -14.15 -6.29
CA VAL A 272 -8.27 -14.54 -7.49
C VAL A 272 -6.96 -15.20 -7.10
N GLY A 273 -6.26 -14.62 -6.13
CA GLY A 273 -5.00 -15.12 -5.58
C GLY A 273 -5.11 -16.50 -4.98
N MET A 274 -6.20 -16.74 -4.25
CA MET A 274 -6.50 -18.03 -3.63
C MET A 274 -6.78 -19.06 -4.71
N ILE A 275 -7.48 -18.68 -5.80
CA ILE A 275 -7.75 -19.58 -6.90
C ILE A 275 -6.44 -20.01 -7.56
N LYS A 276 -5.59 -19.02 -7.94
CA LYS A 276 -4.28 -19.21 -8.56
C LYS A 276 -3.35 -20.08 -7.72
N GLU A 277 -3.32 -19.85 -6.38
CA GLU A 277 -2.53 -20.63 -5.41
C GLU A 277 -3.00 -22.08 -5.38
N LYS A 278 -4.32 -22.32 -5.40
CA LYS A 278 -4.93 -23.64 -5.31
C LYS A 278 -4.94 -24.38 -6.65
N TYR A 279 -5.13 -23.66 -7.75
CA TYR A 279 -5.25 -24.21 -9.10
C TYR A 279 -4.01 -24.96 -9.57
N GLU A 280 -4.20 -26.22 -9.97
CA GLU A 280 -3.13 -27.05 -10.51
C GLU A 280 -2.84 -26.50 -11.93
N HIS A 281 -1.78 -25.69 -12.07
CA HIS A 281 -1.44 -25.03 -13.33
C HIS A 281 -1.28 -25.92 -14.56
N ARG A 282 -1.03 -27.23 -14.37
CA ARG A 282 -0.94 -28.19 -15.49
C ARG A 282 -2.26 -28.30 -16.23
N MET A 283 -3.40 -28.12 -15.53
CA MET A 283 -4.73 -28.12 -16.09
C MET A 283 -4.88 -27.03 -17.17
N LEU A 284 -4.13 -25.90 -17.05
CA LEU A 284 -4.16 -24.80 -18.02
C LEU A 284 -3.55 -25.23 -19.36
N LEU A 285 -2.79 -26.34 -19.37
CA LEU A 285 -2.09 -26.83 -20.55
C LEU A 285 -2.89 -27.83 -21.36
N LYS A 286 -4.10 -28.17 -20.88
CA LYS A 286 -5.00 -29.12 -21.53
C LYS A 286 -5.19 -28.88 -23.03
N HIS A 287 -5.41 -27.62 -23.48
CA HIS A 287 -5.59 -27.35 -24.91
C HIS A 287 -4.43 -26.57 -25.54
N MET A 288 -3.27 -26.60 -24.88
CA MET A 288 -2.07 -25.87 -25.31
C MET A 288 -1.06 -26.80 -25.97
N PRO A 289 -0.16 -26.29 -26.84
CA PRO A 289 0.87 -27.17 -27.39
C PRO A 289 1.69 -27.86 -26.29
N SER A 290 2.14 -29.11 -26.52
CA SER A 290 2.86 -29.87 -25.48
C SER A 290 4.12 -29.26 -24.94
N GLU A 291 4.84 -28.42 -25.73
CA GLU A 291 6.06 -27.76 -25.26
C GLU A 291 5.81 -26.70 -24.20
N PHE A 292 4.53 -26.31 -23.98
CA PHE A 292 4.13 -25.34 -22.96
C PHE A 292 4.41 -25.83 -21.54
N HIS A 293 4.61 -27.15 -21.35
CA HIS A 293 5.01 -27.77 -20.08
C HIS A 293 6.40 -27.24 -19.71
N LEU A 294 7.29 -27.13 -20.70
CA LEU A 294 8.65 -26.61 -20.53
C LEU A 294 8.64 -25.14 -20.11
N PHE A 295 7.67 -24.35 -20.66
CA PHE A 295 7.47 -22.94 -20.40
C PHE A 295 6.98 -22.79 -18.95
N LEU A 296 5.93 -23.52 -18.57
CA LEU A 296 5.40 -23.51 -17.21
C LEU A 296 6.44 -23.92 -16.14
N ASP A 297 7.16 -25.02 -16.38
CA ASP A 297 8.19 -25.52 -15.46
C ASP A 297 9.32 -24.51 -15.28
N HIS A 298 9.70 -23.81 -16.36
CA HIS A 298 10.78 -22.80 -16.31
C HIS A 298 10.44 -21.62 -15.44
N ILE A 299 9.32 -20.95 -15.72
CA ILE A 299 8.89 -19.77 -14.96
C ILE A 299 8.58 -20.12 -13.52
N ALA A 300 8.02 -21.32 -13.26
CA ALA A 300 7.70 -21.78 -11.88
C ALA A 300 8.96 -21.97 -11.01
N SER A 301 10.13 -22.15 -11.64
CA SER A 301 11.43 -22.37 -10.97
C SER A 301 12.21 -21.06 -10.71
N LEU A 302 11.82 -19.95 -11.36
CA LEU A 302 12.52 -18.69 -11.24
C LEU A 302 12.12 -17.91 -9.98
N ASP A 303 12.96 -17.01 -9.57
CA ASP A 303 12.66 -16.07 -8.48
C ASP A 303 13.11 -14.67 -8.94
N TYR A 304 13.01 -13.68 -8.07
CA TYR A 304 13.43 -12.31 -8.33
C TYR A 304 14.89 -12.20 -8.80
N PHE A 305 15.79 -13.05 -8.32
CA PHE A 305 17.25 -12.96 -8.56
C PHE A 305 17.74 -13.61 -9.82
N THR A 306 17.02 -14.65 -10.28
CA THR A 306 17.46 -15.41 -11.43
C THR A 306 16.99 -14.84 -12.77
N LYS A 307 17.94 -14.61 -13.69
CA LYS A 307 17.69 -14.16 -15.04
C LYS A 307 16.93 -15.27 -15.78
N PRO A 308 15.78 -14.94 -16.44
CA PRO A 308 15.04 -15.99 -17.18
C PRO A 308 15.77 -16.50 -18.42
N ASP A 309 15.42 -17.71 -18.89
CA ASP A 309 15.97 -18.29 -20.12
C ASP A 309 14.95 -17.97 -21.20
N TYR A 310 15.12 -16.80 -21.80
CA TYR A 310 14.20 -16.28 -22.81
C TYR A 310 14.24 -17.16 -24.05
N GLN A 311 15.45 -17.66 -24.39
CA GLN A 311 15.65 -18.55 -25.54
C GLN A 311 14.86 -19.86 -25.41
N LEU A 312 14.79 -20.44 -24.20
CA LEU A 312 14.00 -21.65 -23.87
C LEU A 312 12.53 -21.40 -24.20
N ILE A 313 11.99 -20.22 -23.82
CA ILE A 313 10.58 -19.87 -24.07
C ILE A 313 10.34 -19.65 -25.56
N MET A 314 11.30 -19.00 -26.25
CA MET A 314 11.24 -18.73 -27.67
C MET A 314 11.20 -20.04 -28.45
N SER A 315 12.05 -21.02 -28.07
CA SER A 315 12.11 -22.37 -28.65
C SER A 315 10.80 -23.11 -28.47
N VAL A 316 10.12 -22.92 -27.33
CA VAL A 316 8.79 -23.51 -27.11
C VAL A 316 7.86 -23.02 -28.21
N PHE A 317 7.83 -21.70 -28.49
CA PHE A 317 6.94 -21.12 -29.51
C PHE A 317 7.33 -21.56 -30.93
N GLU A 318 8.64 -21.53 -31.25
CA GLU A 318 9.18 -21.91 -32.56
C GLU A 318 8.92 -23.40 -32.89
N ASN A 319 9.18 -24.31 -31.94
CA ASN A 319 8.88 -25.73 -32.10
C ASN A 319 7.38 -25.99 -32.20
N SER A 320 6.54 -25.25 -31.43
CA SER A 320 5.07 -25.41 -31.48
C SER A 320 4.54 -24.99 -32.85
N MET A 321 5.25 -24.06 -33.51
CA MET A 321 4.91 -23.60 -34.85
C MET A 321 5.33 -24.60 -35.92
N LYS A 322 6.62 -25.00 -35.94
CA LYS A 322 7.15 -25.95 -36.94
C LYS A 322 6.40 -27.30 -36.89
N GLU A 323 6.08 -27.81 -35.68
CA GLU A 323 5.35 -29.08 -35.47
C GLU A 323 3.88 -29.04 -35.93
N ARG A 324 3.39 -27.85 -36.27
CA ARG A 324 2.03 -27.63 -36.76
C ARG A 324 2.01 -27.04 -38.17
N GLY A 325 3.20 -26.91 -38.78
CA GLY A 325 3.34 -26.36 -40.12
C GLY A 325 2.92 -24.90 -40.24
N ILE A 326 3.03 -24.15 -39.11
CA ILE A 326 2.70 -22.74 -39.02
C ILE A 326 3.88 -21.94 -39.58
N ALA A 327 3.57 -21.11 -40.59
CA ALA A 327 4.54 -20.24 -41.24
C ALA A 327 4.46 -18.86 -40.59
N GLU A 328 5.60 -18.16 -40.53
CA GLU A 328 5.71 -16.80 -39.99
C GLU A 328 4.95 -15.75 -40.83
N ASN A 329 4.82 -15.99 -42.14
CA ASN A 329 4.16 -15.11 -43.10
C ASN A 329 2.63 -15.22 -43.12
N GLU A 330 2.06 -16.13 -42.32
CA GLU A 330 0.62 -16.35 -42.26
C GLU A 330 -0.17 -15.08 -41.89
N ALA A 331 -1.45 -15.07 -42.23
CA ALA A 331 -2.30 -13.93 -41.91
C ALA A 331 -2.83 -14.12 -40.51
N PHE A 332 -3.02 -13.02 -39.78
CA PHE A 332 -3.59 -13.06 -38.45
C PHE A 332 -5.09 -13.25 -38.55
N ASP A 333 -5.74 -13.65 -37.46
CA ASP A 333 -7.17 -13.94 -37.47
C ASP A 333 -8.07 -12.78 -37.90
N TRP A 334 -7.70 -11.53 -37.54
CA TRP A 334 -8.44 -10.31 -37.84
C TRP A 334 -8.36 -9.93 -39.33
N GLU A 335 -7.31 -10.44 -40.04
CA GLU A 335 -7.07 -10.26 -41.48
C GLU A 335 -7.97 -11.23 -42.30
N LYS A 336 -8.45 -12.33 -41.65
CA LYS A 336 -9.28 -13.37 -42.27
C LYS A 336 -10.75 -12.92 -42.43
N ALA B 45 -17.59 0.50 43.31
CA ALA B 45 -16.73 1.47 43.98
C ALA B 45 -15.29 1.43 43.45
N ASP B 46 -14.55 2.55 43.57
CA ASP B 46 -13.16 2.68 43.13
C ASP B 46 -12.23 1.84 44.00
N ILE B 47 -11.11 1.36 43.42
CA ILE B 47 -10.10 0.59 44.16
C ILE B 47 -9.52 1.48 45.29
N LEU B 48 -9.30 2.78 44.98
CA LEU B 48 -8.74 3.71 45.94
C LEU B 48 -9.67 4.88 46.22
N PRO B 49 -9.95 5.15 47.52
CA PRO B 49 -10.77 6.34 47.85
C PRO B 49 -9.88 7.58 47.81
N ALA B 50 -10.49 8.77 47.75
CA ALA B 50 -9.72 10.04 47.77
C ALA B 50 -8.96 10.12 49.10
N ASN B 51 -7.80 10.78 49.11
CA ASN B 51 -6.94 10.96 50.28
C ASN B 51 -6.23 9.71 50.79
N TYR B 52 -6.35 8.57 50.07
CA TYR B 52 -5.63 7.34 50.38
C TYR B 52 -4.16 7.64 50.11
N VAL B 53 -3.26 7.15 50.97
CA VAL B 53 -1.82 7.39 50.75
C VAL B 53 -1.12 6.07 50.47
N VAL B 54 -0.65 5.89 49.23
CA VAL B 54 0.07 4.70 48.79
C VAL B 54 1.54 4.81 49.26
N LYS B 55 2.02 3.76 49.98
CA LYS B 55 3.37 3.58 50.53
C LYS B 55 3.83 4.81 51.37
N ASP B 56 2.85 5.49 52.02
CA ASP B 56 2.99 6.73 52.79
C ASP B 56 3.74 7.80 51.95
N ARG B 57 3.49 7.83 50.63
CA ARG B 57 4.16 8.77 49.72
C ARG B 57 3.23 9.45 48.72
N TRP B 58 2.37 8.66 48.04
CA TRP B 58 1.47 9.13 46.99
C TRP B 58 0.04 9.26 47.45
N LYS B 59 -0.39 10.50 47.67
CA LYS B 59 -1.72 10.81 48.15
C LYS B 59 -2.69 10.92 46.99
N VAL B 60 -3.72 10.08 47.00
CA VAL B 60 -4.75 10.08 45.95
C VAL B 60 -5.57 11.35 46.02
N LEU B 61 -5.53 12.14 44.93
CA LEU B 61 -6.29 13.38 44.75
C LEU B 61 -7.66 13.07 44.14
N LYS B 62 -7.71 12.40 42.97
CA LYS B 62 -8.96 12.03 42.26
C LYS B 62 -8.73 10.93 41.22
N LYS B 63 -9.81 10.24 40.80
CA LYS B 63 -9.73 9.27 39.71
C LYS B 63 -9.81 10.08 38.41
N ILE B 64 -8.88 9.81 37.47
CA ILE B 64 -8.84 10.51 36.18
C ILE B 64 -9.23 9.64 34.98
N GLY B 65 -9.53 8.37 35.23
CA GLY B 65 -9.93 7.44 34.18
C GLY B 65 -9.65 5.97 34.43
N GLY B 66 -9.51 5.23 33.34
CA GLY B 66 -9.22 3.80 33.31
C GLY B 66 -10.42 2.92 33.04
N GLY B 67 -11.19 2.63 34.10
CA GLY B 67 -12.38 1.78 34.07
C GLY B 67 -12.07 0.29 34.24
N GLY B 68 -12.32 -0.48 33.20
CA GLY B 68 -12.03 -1.91 33.16
C GLY B 68 -10.56 -2.11 32.85
N PHE B 69 -9.88 -3.08 33.53
CA PHE B 69 -8.45 -3.44 33.43
C PHE B 69 -7.50 -2.73 34.42
N GLY B 70 -7.72 -1.45 34.63
CA GLY B 70 -6.92 -0.62 35.52
C GLY B 70 -7.51 0.76 35.68
N GLU B 71 -7.48 1.30 36.90
CA GLU B 71 -7.97 2.64 37.24
C GLU B 71 -6.77 3.59 37.33
N ILE B 72 -6.93 4.81 36.81
CA ILE B 72 -5.86 5.80 36.82
C ILE B 72 -6.25 7.01 37.67
N TYR B 73 -5.36 7.39 38.58
CA TYR B 73 -5.61 8.50 39.51
C TYR B 73 -4.58 9.59 39.37
N GLU B 74 -4.99 10.79 39.73
CA GLU B 74 -4.05 11.90 39.88
C GLU B 74 -3.72 11.85 41.39
N ALA B 75 -2.44 11.87 41.70
CA ALA B 75 -1.97 11.79 43.07
C ALA B 75 -0.93 12.86 43.32
N MET B 76 -0.74 13.18 44.59
CA MET B 76 0.22 14.14 45.06
C MET B 76 1.42 13.35 45.60
N ASP B 77 2.61 13.57 45.04
CA ASP B 77 3.82 12.90 45.51
C ASP B 77 4.33 13.74 46.70
N LEU B 78 4.07 13.26 47.92
CA LEU B 78 4.40 13.95 49.18
C LEU B 78 5.90 14.18 49.41
N LEU B 79 6.77 13.45 48.68
CA LEU B 79 8.23 13.54 48.77
C LEU B 79 8.82 14.55 47.84
N THR B 80 8.30 14.66 46.60
CA THR B 80 8.82 15.59 45.58
C THR B 80 8.00 16.85 45.45
N ARG B 81 6.75 16.82 45.98
CA ARG B 81 5.78 17.91 46.00
C ARG B 81 5.36 18.22 44.55
N GLU B 82 5.07 17.17 43.81
CA GLU B 82 4.67 17.22 42.41
C GLU B 82 3.46 16.32 42.25
N ASN B 83 2.52 16.70 41.40
CA ASN B 83 1.37 15.87 41.10
C ASN B 83 1.87 14.85 40.06
N VAL B 84 1.48 13.58 40.24
CA VAL B 84 1.91 12.42 39.43
C VAL B 84 0.68 11.63 38.97
N ALA B 85 0.88 10.62 38.11
CA ALA B 85 -0.21 9.75 37.68
C ALA B 85 -0.03 8.42 38.40
N LEU B 86 -1.11 7.85 38.94
CA LEU B 86 -1.05 6.59 39.67
C LEU B 86 -2.04 5.60 39.07
N LYS B 87 -1.52 4.54 38.45
CA LYS B 87 -2.33 3.50 37.82
C LYS B 87 -2.35 2.29 38.74
N VAL B 88 -3.56 1.82 39.11
CA VAL B 88 -3.78 0.67 39.99
C VAL B 88 -4.67 -0.43 39.35
N GLU B 89 -4.41 -1.69 39.73
CA GLU B 89 -5.26 -2.83 39.36
C GLU B 89 -5.43 -3.70 40.60
N SER B 90 -6.66 -4.21 40.78
CA SER B 90 -7.04 -5.11 41.87
C SER B 90 -6.17 -6.39 41.83
N ALA B 91 -5.71 -6.87 42.98
CA ALA B 91 -4.89 -8.10 43.07
C ALA B 91 -5.76 -9.33 42.80
N GLN B 92 -7.09 -9.19 42.92
CA GLN B 92 -8.08 -10.24 42.65
C GLN B 92 -8.77 -10.06 41.26
N GLN B 93 -8.02 -9.55 40.29
CA GLN B 93 -8.44 -9.34 38.90
C GLN B 93 -7.78 -10.48 38.09
N PRO B 94 -8.52 -11.18 37.18
CA PRO B 94 -7.90 -12.30 36.43
C PRO B 94 -6.74 -11.87 35.53
N LYS B 95 -6.93 -10.75 34.82
CA LYS B 95 -5.90 -10.18 33.97
C LYS B 95 -5.05 -9.22 34.79
N GLN B 96 -3.77 -9.56 34.95
CA GLN B 96 -2.80 -8.75 35.66
C GLN B 96 -1.70 -8.27 34.71
N VAL B 97 -2.04 -7.16 34.02
CA VAL B 97 -1.27 -6.46 32.98
C VAL B 97 -0.09 -5.62 33.50
N LEU B 98 -0.24 -5.03 34.73
CA LEU B 98 0.72 -4.13 35.35
C LEU B 98 2.16 -4.61 35.42
N LYS B 99 2.39 -5.93 35.59
CA LYS B 99 3.78 -6.44 35.65
C LYS B 99 4.52 -6.13 34.33
N MET B 100 3.85 -6.38 33.18
CA MET B 100 4.48 -6.12 31.90
C MET B 100 4.44 -4.65 31.55
N GLU B 101 3.37 -3.93 31.99
CA GLU B 101 3.24 -2.48 31.82
C GLU B 101 4.48 -1.77 32.44
N VAL B 102 4.93 -2.16 33.68
CA VAL B 102 6.15 -1.68 34.33
C VAL B 102 7.34 -2.06 33.44
N ALA B 103 7.37 -3.30 32.90
CA ALA B 103 8.46 -3.78 32.02
C ALA B 103 8.56 -3.00 30.73
N VAL B 104 7.40 -2.66 30.06
CA VAL B 104 7.39 -1.85 28.83
C VAL B 104 7.90 -0.44 29.18
N LEU B 105 7.30 0.20 30.22
CA LEU B 105 7.66 1.55 30.69
C LEU B 105 9.15 1.63 31.06
N LYS B 106 9.68 0.63 31.76
CA LYS B 106 11.09 0.59 32.13
C LYS B 106 11.97 0.46 30.89
N LYS B 107 11.61 -0.46 29.95
CA LYS B 107 12.31 -0.69 28.67
C LYS B 107 12.38 0.57 27.77
N LEU B 108 11.35 1.43 27.83
CA LEU B 108 11.23 2.66 27.05
C LEU B 108 11.83 3.92 27.67
N GLN B 109 12.40 3.83 28.87
CA GLN B 109 13.02 4.98 29.56
C GLN B 109 14.21 5.45 28.75
N GLY B 110 14.28 6.74 28.51
CA GLY B 110 15.33 7.35 27.70
C GLY B 110 14.80 7.74 26.33
N LYS B 111 13.70 7.07 25.90
CA LYS B 111 13.00 7.31 24.65
C LYS B 111 12.07 8.52 24.81
N ASP B 112 11.89 9.26 23.73
CA ASP B 112 11.01 10.43 23.71
C ASP B 112 9.54 9.92 23.67
N HIS B 113 8.55 10.76 24.05
CA HIS B 113 7.13 10.40 24.04
C HIS B 113 6.69 9.40 25.11
N VAL B 114 7.54 9.17 26.11
CA VAL B 114 7.18 8.28 27.21
C VAL B 114 7.26 9.00 28.57
N CYS B 115 6.35 8.66 29.49
CA CYS B 115 6.32 9.19 30.85
C CYS B 115 7.50 8.67 31.63
N ARG B 116 8.06 9.53 32.49
CA ARG B 116 9.15 9.11 33.36
C ARG B 116 8.57 8.16 34.42
N PHE B 117 9.30 7.07 34.68
CA PHE B 117 8.94 6.08 35.69
C PHE B 117 9.30 6.64 37.09
N ILE B 118 8.32 6.69 38.00
CA ILE B 118 8.51 7.19 39.35
C ILE B 118 8.64 6.06 40.38
N GLY B 119 7.74 5.09 40.33
CA GLY B 119 7.75 3.94 41.25
C GLY B 119 6.67 2.94 40.95
N CYS B 120 6.66 1.83 41.71
CA CYS B 120 5.72 0.71 41.57
C CYS B 120 5.82 -0.20 42.80
N GLY B 121 4.79 -1.02 42.99
CA GLY B 121 4.73 -1.97 44.08
C GLY B 121 3.50 -2.85 43.99
N ARG B 122 3.41 -3.83 44.90
CA ARG B 122 2.30 -4.77 44.95
C ARG B 122 2.04 -5.27 46.34
N ASN B 123 0.76 -5.48 46.65
CA ASN B 123 0.29 -5.94 47.95
C ASN B 123 -0.89 -6.88 47.77
N GLU B 124 -1.45 -7.39 48.88
CA GLU B 124 -2.58 -8.32 48.90
C GLU B 124 -3.83 -7.77 48.23
N LYS B 125 -3.98 -6.44 48.18
CA LYS B 125 -5.18 -5.84 47.64
C LYS B 125 -5.12 -5.24 46.24
N PHE B 126 -3.94 -4.70 45.84
CA PHE B 126 -3.73 -4.03 44.56
C PHE B 126 -2.25 -3.98 44.14
N ASN B 127 -2.03 -3.73 42.85
CA ASN B 127 -0.72 -3.53 42.22
C ASN B 127 -0.74 -2.09 41.74
N TYR B 128 0.39 -1.38 41.80
CA TYR B 128 0.38 0.01 41.36
C TYR B 128 1.63 0.40 40.60
N VAL B 129 1.51 1.42 39.72
CA VAL B 129 2.61 2.05 38.96
C VAL B 129 2.39 3.53 39.12
N VAL B 130 3.49 4.25 39.30
CA VAL B 130 3.51 5.70 39.48
C VAL B 130 4.40 6.24 38.38
N MET B 131 3.89 7.22 37.63
CA MET B 131 4.65 7.82 36.54
C MET B 131 4.27 9.27 36.32
N GLN B 132 5.06 9.95 35.47
CA GLN B 132 4.87 11.34 35.09
C GLN B 132 3.43 11.59 34.64
N LEU B 133 2.82 12.68 35.14
CA LEU B 133 1.46 13.08 34.79
C LEU B 133 1.55 14.01 33.57
N GLN B 134 0.57 13.95 32.66
CA GLN B 134 0.55 14.78 31.44
C GLN B 134 -0.76 15.56 31.33
N GLY B 135 -0.86 16.40 30.31
CA GLY B 135 -2.01 17.27 30.07
C GLY B 135 -3.20 16.61 29.43
N ARG B 136 -3.89 17.34 28.56
CA ARG B 136 -5.07 16.83 27.88
C ARG B 136 -4.78 15.78 26.81
N ASN B 137 -5.68 14.82 26.70
CA ASN B 137 -5.59 13.75 25.72
C ASN B 137 -6.09 14.22 24.35
N LEU B 138 -5.55 13.62 23.28
CA LEU B 138 -5.92 13.98 21.90
C LEU B 138 -7.39 13.84 21.55
N ALA B 139 -8.12 12.87 22.14
CA ALA B 139 -9.56 12.68 21.86
C ALA B 139 -10.36 13.90 22.32
N ASP B 140 -10.13 14.29 23.57
CA ASP B 140 -10.76 15.40 24.24
C ASP B 140 -10.32 16.73 23.60
N LEU B 141 -9.01 16.91 23.27
CA LEU B 141 -8.47 18.11 22.58
C LEU B 141 -9.13 18.28 21.20
N ARG B 142 -9.43 17.15 20.49
CA ARG B 142 -10.04 17.17 19.18
C ARG B 142 -11.51 17.54 19.32
N ARG B 143 -12.25 16.88 20.24
CA ARG B 143 -13.67 17.10 20.49
C ARG B 143 -13.96 18.58 20.77
N SER B 144 -12.99 19.28 21.38
CA SER B 144 -13.08 20.71 21.70
C SER B 144 -12.86 21.61 20.49
N GLN B 145 -12.50 21.03 19.33
CA GLN B 145 -12.31 21.80 18.10
C GLN B 145 -13.67 22.24 17.53
N PRO B 146 -13.74 23.41 16.84
CA PRO B 146 -15.04 23.89 16.32
C PRO B 146 -15.79 22.90 15.44
N ARG B 147 -15.09 22.30 14.47
CA ARG B 147 -15.64 21.32 13.53
C ARG B 147 -15.40 19.87 13.98
N GLY B 148 -14.61 19.71 15.04
CA GLY B 148 -14.20 18.41 15.55
C GLY B 148 -13.04 17.89 14.73
N THR B 149 -12.34 18.81 14.07
CA THR B 149 -11.22 18.50 13.20
C THR B 149 -10.03 19.34 13.57
N PHE B 150 -8.83 18.81 13.36
CA PHE B 150 -7.60 19.57 13.53
C PHE B 150 -7.20 20.04 12.13
N THR B 151 -6.28 21.01 12.07
CA THR B 151 -5.76 21.48 10.79
C THR B 151 -4.78 20.41 10.29
N LEU B 152 -4.34 20.46 9.02
CA LEU B 152 -3.35 19.50 8.53
C LEU B 152 -2.02 19.74 9.23
N SER B 153 -1.76 20.97 9.69
CA SER B 153 -0.54 21.29 10.43
C SER B 153 -0.49 20.50 11.77
N THR B 154 -1.60 20.45 12.50
CA THR B 154 -1.69 19.75 13.78
C THR B 154 -1.64 18.24 13.55
N THR B 155 -2.52 17.75 12.64
CA THR B 155 -2.63 16.36 12.22
C THR B 155 -1.28 15.76 11.83
N LEU B 156 -0.55 16.43 10.94
CA LEU B 156 0.73 15.93 10.46
C LEU B 156 1.81 15.93 11.52
N ARG B 157 1.83 16.97 12.37
CA ARG B 157 2.82 17.06 13.45
C ARG B 157 2.55 16.03 14.55
N LEU B 158 1.28 15.81 14.90
CA LEU B 158 0.88 14.75 15.84
C LEU B 158 1.23 13.36 15.23
N GLY B 159 0.99 13.19 13.91
CA GLY B 159 1.29 11.98 13.15
C GLY B 159 2.75 11.57 13.27
N LYS B 160 3.67 12.52 13.07
CA LYS B 160 5.12 12.33 13.20
C LYS B 160 5.48 11.84 14.59
N GLN B 161 4.88 12.49 15.61
CA GLN B 161 5.13 12.23 17.02
C GLN B 161 4.63 10.86 17.43
N ILE B 162 3.38 10.52 17.04
CA ILE B 162 2.77 9.22 17.32
C ILE B 162 3.52 8.09 16.60
N LEU B 163 3.93 8.31 15.33
CA LEU B 163 4.71 7.33 14.58
C LEU B 163 6.03 7.02 15.29
N GLU B 164 6.71 8.06 15.83
CA GLU B 164 7.96 7.85 16.59
C GLU B 164 7.72 7.02 17.86
N SER B 165 6.54 7.19 18.52
CA SER B 165 6.10 6.41 19.69
C SER B 165 6.00 4.94 19.29
N ILE B 166 5.25 4.65 18.19
CA ILE B 166 5.00 3.30 17.65
C ILE B 166 6.31 2.61 17.28
N GLU B 167 7.18 3.33 16.56
CA GLU B 167 8.49 2.83 16.18
C GLU B 167 9.34 2.44 17.42
N ALA B 168 9.31 3.27 18.48
CA ALA B 168 10.02 3.06 19.74
C ALA B 168 9.55 1.84 20.52
N ILE B 169 8.21 1.64 20.66
CA ILE B 169 7.69 0.47 21.36
C ILE B 169 8.02 -0.82 20.56
N HIS B 170 7.94 -0.77 19.22
CA HIS B 170 8.25 -1.93 18.36
C HIS B 170 9.75 -2.26 18.48
N SER B 171 10.59 -1.21 18.61
CA SER B 171 12.05 -1.38 18.77
C SER B 171 12.48 -2.14 20.04
N VAL B 172 11.63 -2.17 21.09
CA VAL B 172 11.92 -2.86 22.36
C VAL B 172 11.24 -4.24 22.40
N GLY B 173 10.60 -4.61 21.30
CA GLY B 173 9.98 -5.92 21.12
C GLY B 173 8.54 -6.04 21.50
N PHE B 174 7.80 -4.93 21.53
CA PHE B 174 6.41 -4.92 21.97
C PHE B 174 5.46 -4.28 21.03
N LEU B 175 4.24 -4.80 20.99
CA LEU B 175 3.15 -4.21 20.23
C LEU B 175 2.30 -3.43 21.21
N HIS B 176 1.73 -2.31 20.78
CA HIS B 176 0.88 -1.51 21.66
C HIS B 176 -0.52 -2.12 21.73
N ARG B 177 -1.14 -2.36 20.55
CA ARG B 177 -2.46 -2.99 20.36
C ARG B 177 -3.68 -2.16 20.76
N ASP B 178 -3.46 -0.95 21.27
CA ASP B 178 -4.56 -0.10 21.71
C ASP B 178 -4.30 1.36 21.32
N ILE B 179 -3.79 1.59 20.10
CA ILE B 179 -3.52 2.95 19.59
C ILE B 179 -4.85 3.66 19.31
N LYS B 180 -5.09 4.76 20.03
CA LYS B 180 -6.31 5.59 19.92
C LYS B 180 -5.99 6.99 20.44
N PRO B 181 -6.79 8.06 20.09
CA PRO B 181 -6.45 9.42 20.58
C PRO B 181 -6.39 9.60 22.09
N SER B 182 -7.23 8.87 22.86
CA SER B 182 -7.22 8.94 24.33
C SER B 182 -5.99 8.33 24.99
N ASN B 183 -5.13 7.61 24.21
CA ASN B 183 -3.88 7.03 24.73
C ASN B 183 -2.69 7.92 24.49
N PHE B 184 -2.94 9.12 23.98
CA PHE B 184 -1.90 10.12 23.73
C PHE B 184 -2.30 11.44 24.36
N ALA B 185 -1.33 12.13 24.96
CA ALA B 185 -1.60 13.42 25.61
C ALA B 185 -0.45 14.38 25.46
N MET B 186 -0.75 15.70 25.42
CA MET B 186 0.32 16.72 25.38
C MET B 186 0.86 16.92 26.79
N GLY B 187 2.06 17.44 26.89
CA GLY B 187 2.66 17.74 28.18
C GLY B 187 1.94 18.83 28.97
N ARG B 188 2.39 19.04 30.20
CA ARG B 188 1.76 20.02 31.10
C ARG B 188 2.74 21.04 31.64
N LEU B 189 4.04 20.82 31.43
CA LEU B 189 5.11 21.68 31.88
C LEU B 189 5.49 22.68 30.79
N PRO B 190 6.31 23.74 31.07
CA PRO B 190 6.66 24.67 29.98
C PRO B 190 7.67 24.05 29.01
N SER B 191 8.42 23.06 29.48
CA SER B 191 9.39 22.32 28.69
C SER B 191 8.76 21.08 27.98
N THR B 192 7.44 20.82 28.15
CA THR B 192 6.80 19.61 27.61
C THR B 192 5.46 19.80 26.92
N TYR B 193 4.83 20.99 27.04
CA TYR B 193 3.48 21.27 26.48
C TYR B 193 3.32 21.07 24.94
N ARG B 194 4.45 20.99 24.24
CA ARG B 194 4.49 20.76 22.78
C ARG B 194 4.81 19.28 22.45
N LYS B 195 5.19 18.46 23.46
CA LYS B 195 5.51 17.06 23.33
C LYS B 195 4.29 16.17 23.54
N CYS B 196 4.14 15.16 22.66
CA CYS B 196 3.05 14.18 22.72
C CYS B 196 3.54 12.92 23.44
N TYR B 197 2.67 12.29 24.24
CA TYR B 197 3.07 11.13 25.04
C TYR B 197 2.18 9.98 24.88
N MET B 198 2.77 8.80 24.83
CA MET B 198 2.07 7.52 24.77
C MET B 198 1.81 7.23 26.25
N LEU B 199 0.52 7.15 26.64
CA LEU B 199 0.07 7.06 28.04
C LEU B 199 -0.02 5.69 28.71
N ASP B 200 -0.50 4.69 28.00
CA ASP B 200 -0.78 3.39 28.58
C ASP B 200 -0.15 2.26 27.78
N PHE B 201 0.19 1.15 28.47
CA PHE B 201 0.81 -0.05 27.91
C PHE B 201 0.14 -1.32 28.42
N GLY B 202 -1.07 -1.19 28.95
CA GLY B 202 -1.80 -2.32 29.51
C GLY B 202 -2.21 -3.38 28.51
N LEU B 203 -2.45 -2.97 27.26
CA LEU B 203 -2.83 -3.92 26.22
C LEU B 203 -1.64 -4.44 25.40
N ALA B 204 -0.40 -4.05 25.77
CA ALA B 204 0.84 -4.42 25.09
C ALA B 204 1.14 -5.89 25.16
N ARG B 205 1.91 -6.37 24.17
CA ARG B 205 2.32 -7.76 24.07
C ARG B 205 3.64 -7.84 23.33
N GLN B 206 4.57 -8.64 23.89
CA GLN B 206 5.87 -8.91 23.25
C GLN B 206 5.64 -9.73 21.97
N TYR B 207 6.11 -9.25 20.82
CA TYR B 207 5.97 -9.96 19.55
C TYR B 207 7.26 -10.71 19.20
N THR B 208 8.36 -10.35 19.88
CA THR B 208 9.67 -10.96 19.69
C THR B 208 9.89 -12.06 20.72
N ASN B 209 10.86 -12.94 20.42
CA ASN B 209 11.26 -14.02 21.30
C ASN B 209 12.68 -13.75 21.82
N THR B 210 13.24 -14.73 22.55
CA THR B 210 14.58 -14.71 23.16
C THR B 210 15.68 -14.27 22.21
N THR B 211 15.62 -14.70 20.94
CA THR B 211 16.62 -14.43 19.91
C THR B 211 16.44 -13.11 19.13
N GLY B 212 15.33 -12.42 19.35
CA GLY B 212 15.03 -11.16 18.69
C GLY B 212 14.21 -11.30 17.42
N ASP B 213 13.73 -12.52 17.14
CA ASP B 213 12.93 -12.81 15.96
C ASP B 213 11.48 -12.72 16.32
N VAL B 214 10.60 -12.69 15.32
CA VAL B 214 9.16 -12.70 15.51
C VAL B 214 8.66 -14.08 15.92
N ARG B 215 7.95 -14.15 17.03
CA ARG B 215 7.42 -15.36 17.63
C ARG B 215 6.25 -15.91 16.84
N PRO B 216 5.96 -17.23 16.90
CA PRO B 216 4.78 -17.75 16.18
C PRO B 216 3.46 -17.12 16.64
N PRO B 217 2.56 -16.70 15.74
CA PRO B 217 1.28 -16.14 16.19
C PRO B 217 0.40 -17.26 16.77
N ARG B 218 -0.52 -16.94 17.67
CA ARG B 218 -1.45 -17.92 18.20
C ARG B 218 -2.59 -18.09 17.20
N ASN B 219 -3.35 -19.22 17.39
CA ASN B 219 -4.53 -19.70 16.61
C ASN B 219 -5.54 -18.58 16.48
N VAL B 220 -5.98 -18.11 17.64
CA VAL B 220 -6.90 -17.01 17.74
C VAL B 220 -6.44 -16.18 18.91
N ALA B 221 -6.66 -14.89 18.78
CA ALA B 221 -6.33 -13.97 19.84
C ALA B 221 -7.59 -13.16 20.12
N GLY B 222 -7.94 -13.09 21.41
CA GLY B 222 -9.10 -12.34 21.84
C GLY B 222 -8.81 -10.87 21.66
N PHE B 223 -9.69 -10.13 20.97
CA PHE B 223 -9.47 -8.70 20.75
C PHE B 223 -10.09 -7.90 21.89
N ARG B 224 -9.25 -7.20 22.67
CA ARG B 224 -9.72 -6.37 23.80
C ARG B 224 -9.52 -4.83 23.68
N GLY B 225 -8.97 -4.37 22.55
CA GLY B 225 -8.74 -2.95 22.27
C GLY B 225 -10.00 -2.16 21.91
N THR B 226 -9.81 -0.95 21.33
CA THR B 226 -10.92 -0.06 20.97
C THR B 226 -11.39 -0.30 19.53
N VAL B 227 -12.70 -0.56 19.40
CA VAL B 227 -13.43 -0.94 18.20
C VAL B 227 -13.22 0.02 17.03
N ARG B 228 -13.23 1.32 17.30
CA ARG B 228 -13.11 2.33 16.25
C ARG B 228 -11.83 2.35 15.42
N TYR B 229 -10.66 2.18 16.06
CA TYR B 229 -9.36 2.24 15.38
C TYR B 229 -8.72 0.88 15.16
N ALA B 230 -9.44 -0.22 15.47
CA ALA B 230 -8.93 -1.56 15.23
C ALA B 230 -8.80 -1.85 13.74
N SER B 231 -7.73 -2.54 13.34
CA SER B 231 -7.55 -2.96 11.94
C SER B 231 -8.56 -4.09 11.65
N VAL B 232 -8.73 -4.43 10.37
CA VAL B 232 -9.61 -5.53 9.95
C VAL B 232 -9.11 -6.87 10.54
N ASN B 233 -7.78 -7.06 10.66
CA ASN B 233 -7.14 -8.26 11.25
C ASN B 233 -7.55 -8.46 12.69
N ALA B 234 -7.55 -7.40 13.51
CA ALA B 234 -8.01 -7.47 14.91
C ALA B 234 -9.49 -7.89 14.98
N HIS B 235 -10.36 -7.32 14.09
CA HIS B 235 -11.78 -7.68 14.00
C HIS B 235 -11.98 -9.18 13.72
N LYS B 236 -11.07 -9.78 12.91
CA LYS B 236 -11.08 -11.20 12.54
C LYS B 236 -10.46 -12.13 13.61
N ASN B 237 -10.16 -11.59 14.82
CA ASN B 237 -9.54 -12.32 15.94
C ASN B 237 -8.19 -12.97 15.60
N ARG B 238 -7.46 -12.32 14.67
CA ARG B 238 -6.14 -12.74 14.27
C ARG B 238 -5.12 -12.12 15.22
N GLU B 239 -3.96 -12.77 15.36
CA GLU B 239 -2.86 -12.28 16.19
C GLU B 239 -2.38 -10.97 15.55
N MET B 240 -2.34 -9.92 16.36
CA MET B 240 -1.93 -8.61 15.91
C MET B 240 -0.44 -8.49 15.68
N GLY B 241 -0.06 -7.64 14.73
CA GLY B 241 1.34 -7.39 14.40
C GLY B 241 1.64 -5.91 14.36
N ARG B 242 2.90 -5.55 14.07
CA ARG B 242 3.35 -4.16 13.97
C ARG B 242 2.50 -3.32 13.05
N HIS B 243 2.07 -3.90 11.93
CA HIS B 243 1.23 -3.27 10.90
C HIS B 243 -0.12 -2.85 11.44
N ASP B 244 -0.67 -3.58 12.42
CA ASP B 244 -1.97 -3.29 13.06
C ASP B 244 -1.97 -2.02 13.90
N ASP B 245 -0.81 -1.66 14.47
CA ASP B 245 -0.63 -0.43 15.22
C ASP B 245 -0.58 0.72 14.22
N LEU B 246 -0.04 0.45 13.01
CA LEU B 246 0.02 1.44 11.94
C LEU B 246 -1.34 1.68 11.28
N TRP B 247 -2.24 0.70 11.32
CA TRP B 247 -3.61 0.83 10.84
C TRP B 247 -4.39 1.76 11.77
N SER B 248 -4.21 1.59 13.09
CA SER B 248 -4.85 2.45 14.08
C SER B 248 -4.38 3.89 13.88
N LEU B 249 -3.05 4.10 13.65
CA LEU B 249 -2.48 5.42 13.36
C LEU B 249 -3.16 6.03 12.14
N PHE B 250 -3.29 5.25 11.04
CA PHE B 250 -3.93 5.67 9.80
C PHE B 250 -5.37 6.20 10.05
N TYR B 251 -6.21 5.39 10.72
CA TYR B 251 -7.59 5.74 11.05
C TYR B 251 -7.70 7.01 11.95
N MET B 252 -6.78 7.13 12.92
CA MET B 252 -6.68 8.24 13.86
C MET B 252 -6.45 9.51 13.06
N LEU B 253 -5.47 9.50 12.13
CA LEU B 253 -5.15 10.69 11.36
C LEU B 253 -6.26 11.14 10.40
N VAL B 254 -7.10 10.19 9.92
CA VAL B 254 -8.26 10.48 9.06
C VAL B 254 -9.33 11.15 9.90
N GLU B 255 -9.60 10.64 11.10
CA GLU B 255 -10.54 11.25 12.04
C GLU B 255 -10.06 12.66 12.47
N PHE B 256 -8.74 12.86 12.65
CA PHE B 256 -8.18 14.16 13.01
C PHE B 256 -8.45 15.21 11.92
N ALA B 257 -8.20 14.85 10.65
CA ALA B 257 -8.35 15.77 9.52
C ALA B 257 -9.77 15.92 8.96
N VAL B 258 -10.58 14.85 9.01
CA VAL B 258 -11.94 14.78 8.48
C VAL B 258 -13.01 15.01 9.56
N GLY B 259 -12.69 14.67 10.80
CA GLY B 259 -13.57 14.86 11.95
C GLY B 259 -14.43 13.68 12.30
N GLN B 260 -14.49 12.69 11.40
CA GLN B 260 -15.29 11.48 11.56
C GLN B 260 -14.76 10.29 10.72
N LEU B 261 -15.12 9.07 11.15
CA LEU B 261 -14.81 7.81 10.47
C LEU B 261 -16.14 7.18 9.99
N PRO B 262 -16.22 6.47 8.83
CA PRO B 262 -17.52 5.94 8.38
C PRO B 262 -18.34 5.08 9.35
N TRP B 263 -17.68 4.46 10.29
CA TRP B 263 -18.25 3.54 11.28
C TRP B 263 -18.38 4.20 12.68
N ARG B 264 -18.30 5.56 12.76
CA ARG B 264 -18.36 6.32 14.02
C ARG B 264 -19.59 6.07 14.93
N LYS B 265 -20.77 5.81 14.31
CA LYS B 265 -22.04 5.60 15.00
C LYS B 265 -22.34 4.16 15.36
N ILE B 266 -21.60 3.22 14.77
CA ILE B 266 -21.82 1.81 15.03
C ILE B 266 -20.98 1.34 16.22
N LYS B 267 -21.63 0.73 17.21
CA LYS B 267 -20.96 0.26 18.42
C LYS B 267 -20.70 -1.24 18.41
N ASP B 268 -21.49 -2.02 17.62
CA ASP B 268 -21.33 -3.46 17.49
C ASP B 268 -20.02 -3.82 16.77
N LYS B 269 -19.13 -4.54 17.47
CA LYS B 269 -17.81 -4.98 17.01
C LYS B 269 -17.87 -5.63 15.62
N GLU B 270 -18.78 -6.61 15.44
CA GLU B 270 -18.97 -7.34 14.18
C GLU B 270 -19.42 -6.47 13.02
N GLN B 271 -20.35 -5.53 13.31
CA GLN B 271 -20.91 -4.60 12.34
C GLN B 271 -19.84 -3.66 11.81
N VAL B 272 -19.01 -3.09 12.71
CA VAL B 272 -17.88 -2.20 12.41
C VAL B 272 -16.88 -2.93 11.50
N GLY B 273 -16.58 -4.18 11.84
CA GLY B 273 -15.68 -5.06 11.09
C GLY B 273 -16.13 -5.30 9.67
N MET B 274 -17.43 -5.52 9.48
CA MET B 274 -18.06 -5.72 8.17
C MET B 274 -17.95 -4.43 7.36
N ILE B 275 -18.13 -3.26 8.00
CA ILE B 275 -18.02 -1.97 7.32
C ILE B 275 -16.59 -1.78 6.80
N LYS B 276 -15.59 -1.96 7.69
CA LYS B 276 -14.16 -1.83 7.39
C LYS B 276 -13.69 -2.78 6.30
N GLU B 277 -14.02 -4.08 6.41
CA GLU B 277 -13.60 -5.10 5.43
C GLU B 277 -14.14 -4.75 4.03
N LYS B 278 -15.38 -4.26 3.95
CA LYS B 278 -16.03 -3.85 2.71
C LYS B 278 -15.48 -2.49 2.24
N TYR B 279 -15.68 -1.41 3.04
CA TYR B 279 -15.29 -0.02 2.75
C TYR B 279 -14.07 0.09 1.87
N GLU B 280 -14.22 0.80 0.73
CA GLU B 280 -13.12 1.03 -0.20
C GLU B 280 -12.23 2.08 0.47
N HIS B 281 -11.13 1.62 1.09
CA HIS B 281 -10.22 2.50 1.86
C HIS B 281 -9.66 3.74 1.12
N ARG B 282 -9.67 3.73 -0.25
CA ARG B 282 -9.21 4.86 -1.08
C ARG B 282 -10.11 6.08 -0.93
N MET B 283 -11.37 5.86 -0.49
CA MET B 283 -12.38 6.89 -0.18
C MET B 283 -11.95 7.68 1.08
N LEU B 284 -11.21 7.05 2.02
CA LEU B 284 -10.74 7.70 3.25
C LEU B 284 -9.69 8.77 2.94
N LEU B 285 -9.09 8.73 1.74
CA LEU B 285 -8.03 9.66 1.33
C LEU B 285 -8.54 10.90 0.62
N LYS B 286 -9.87 10.99 0.43
CA LYS B 286 -10.56 12.10 -0.23
C LYS B 286 -10.10 13.48 0.24
N HIS B 287 -9.98 13.71 1.57
CA HIS B 287 -9.55 15.02 2.09
C HIS B 287 -8.17 14.99 2.73
N MET B 288 -7.36 13.97 2.40
CA MET B 288 -6.03 13.79 2.98
C MET B 288 -4.93 14.22 2.02
N PRO B 289 -3.71 14.57 2.50
CA PRO B 289 -2.61 14.88 1.56
C PRO B 289 -2.37 13.72 0.58
N SER B 290 -1.95 14.05 -0.65
CA SER B 290 -1.78 13.05 -1.72
C SER B 290 -0.84 11.88 -1.40
N GLU B 291 0.23 12.12 -0.62
CA GLU B 291 1.19 11.08 -0.23
C GLU B 291 0.60 10.00 0.67
N PHE B 292 -0.60 10.22 1.23
CA PHE B 292 -1.29 9.26 2.09
C PHE B 292 -1.65 7.95 1.36
N HIS B 293 -1.68 7.99 -0.01
CA HIS B 293 -1.90 6.84 -0.86
C HIS B 293 -0.75 5.86 -0.65
N LEU B 294 0.48 6.37 -0.51
CA LEU B 294 1.69 5.59 -0.25
C LEU B 294 1.64 4.89 1.11
N PHE B 295 1.07 5.59 2.12
CA PHE B 295 0.91 5.13 3.49
C PHE B 295 -0.12 3.99 3.48
N LEU B 296 -1.29 4.22 2.90
CA LEU B 296 -2.33 3.19 2.81
C LEU B 296 -1.88 1.93 2.05
N ASP B 297 -1.24 2.09 0.90
CA ASP B 297 -0.75 0.99 0.06
C ASP B 297 0.29 0.15 0.82
N HIS B 298 1.16 0.81 1.62
CA HIS B 298 2.20 0.12 2.38
C HIS B 298 1.64 -0.78 3.48
N ILE B 299 0.82 -0.23 4.36
CA ILE B 299 0.22 -1.00 5.45
C ILE B 299 -0.70 -2.10 4.94
N ALA B 300 -1.43 -1.84 3.83
CA ALA B 300 -2.34 -2.84 3.24
C ALA B 300 -1.58 -4.07 2.66
N SER B 301 -0.27 -3.93 2.40
CA SER B 301 0.59 -4.97 1.85
C SER B 301 1.33 -5.82 2.94
N LEU B 302 1.34 -5.35 4.20
CA LEU B 302 2.02 -6.01 5.29
C LEU B 302 1.21 -7.13 5.93
N ASP B 303 1.90 -8.01 6.64
CA ASP B 303 1.27 -9.07 7.44
C ASP B 303 1.99 -9.13 8.79
N TYR B 304 1.62 -10.10 9.66
CA TYR B 304 2.22 -10.32 10.97
C TYR B 304 3.75 -10.48 10.92
N PHE B 305 4.29 -11.11 9.88
CA PHE B 305 5.71 -11.45 9.75
C PHE B 305 6.61 -10.39 9.16
N THR B 306 6.06 -9.49 8.34
CA THR B 306 6.85 -8.47 7.67
C THR B 306 7.06 -7.18 8.46
N LYS B 307 8.33 -6.75 8.60
CA LYS B 307 8.74 -5.52 9.25
C LYS B 307 8.24 -4.31 8.46
N PRO B 308 7.53 -3.33 9.09
CA PRO B 308 7.06 -2.15 8.34
C PRO B 308 8.19 -1.21 7.91
N ASP B 309 7.94 -0.39 6.88
CA ASP B 309 8.91 0.62 6.41
C ASP B 309 8.46 1.91 7.08
N TYR B 310 8.97 2.15 8.29
CA TYR B 310 8.61 3.30 9.11
C TYR B 310 9.07 4.59 8.44
N GLN B 311 10.25 4.55 7.81
CA GLN B 311 10.81 5.68 7.08
C GLN B 311 9.91 6.15 5.93
N LEU B 312 9.28 5.20 5.20
CA LEU B 312 8.32 5.47 4.11
C LEU B 312 7.16 6.29 4.66
N ILE B 313 6.62 5.90 5.85
CA ILE B 313 5.48 6.59 6.47
C ILE B 313 5.88 7.98 6.98
N MET B 314 7.10 8.08 7.56
CA MET B 314 7.67 9.31 8.05
C MET B 314 7.82 10.32 6.91
N SER B 315 8.35 9.86 5.76
CA SER B 315 8.53 10.68 4.55
C SER B 315 7.20 11.16 4.02
N VAL B 316 6.13 10.36 4.13
CA VAL B 316 4.78 10.79 3.74
C VAL B 316 4.43 12.06 4.55
N PHE B 317 4.63 12.02 5.90
CA PHE B 317 4.31 13.15 6.77
C PHE B 317 5.22 14.37 6.53
N GLU B 318 6.54 14.14 6.41
CA GLU B 318 7.53 15.18 6.15
C GLU B 318 7.31 15.89 4.81
N ASN B 319 7.06 15.14 3.72
CA ASN B 319 6.75 15.73 2.41
C ASN B 319 5.42 16.45 2.43
N SER B 320 4.40 15.92 3.16
CA SER B 320 3.07 16.57 3.25
C SER B 320 3.20 17.92 3.96
N MET B 321 4.20 18.03 4.85
CA MET B 321 4.48 19.25 5.59
C MET B 321 5.24 20.26 4.73
N LYS B 322 6.39 19.87 4.14
CA LYS B 322 7.20 20.76 3.30
C LYS B 322 6.38 21.32 2.10
N GLU B 323 5.55 20.47 1.45
CA GLU B 323 4.71 20.86 0.31
C GLU B 323 3.57 21.83 0.68
N ARG B 324 3.36 22.06 1.97
CA ARG B 324 2.34 22.96 2.49
C ARG B 324 2.96 24.11 3.30
N GLY B 325 4.29 24.16 3.34
CA GLY B 325 5.05 25.17 4.07
C GLY B 325 4.85 25.11 5.58
N ILE B 326 4.54 23.90 6.08
CA ILE B 326 4.32 23.63 7.50
C ILE B 326 5.67 23.50 8.20
N ALA B 327 5.89 24.36 9.21
CA ALA B 327 7.08 24.39 10.03
C ALA B 327 6.84 23.57 11.28
N GLU B 328 7.91 22.92 11.79
CA GLU B 328 7.86 22.09 13.00
C GLU B 328 7.59 22.91 14.27
N ASN B 329 8.02 24.19 14.27
CA ASN B 329 7.87 25.14 15.39
C ASN B 329 6.48 25.78 15.51
N GLU B 330 5.58 25.49 14.55
CA GLU B 330 4.23 26.04 14.52
C GLU B 330 3.43 25.76 15.82
N ALA B 331 2.41 26.57 16.07
CA ALA B 331 1.57 26.40 17.22
C ALA B 331 0.49 25.40 16.89
N PHE B 332 0.10 24.59 17.88
CA PHE B 332 -0.97 23.62 17.71
C PHE B 332 -2.31 24.33 17.75
N ASP B 333 -3.38 23.68 17.29
CA ASP B 333 -4.70 24.28 17.21
C ASP B 333 -5.25 24.80 18.54
N TRP B 334 -4.98 24.09 19.64
CA TRP B 334 -5.45 24.43 20.99
C TRP B 334 -4.74 25.69 21.55
N GLU B 335 -3.53 26.01 21.02
CA GLU B 335 -2.72 27.18 21.36
C GLU B 335 -3.24 28.45 20.62
N LYS B 336 -4.05 28.27 19.55
CA LYS B 336 -4.61 29.34 18.71
C LYS B 336 -5.82 29.98 19.35
N ALA B 337 -5.97 31.32 19.15
CA ALA B 337 -7.08 32.13 19.65
C ALA B 337 -8.35 31.83 18.86
#